data_4MXY
#
_entry.id   4MXY
#
_cell.length_a   41.869
_cell.length_b   63.047
_cell.length_c   73.956
_cell.angle_alpha   79.03
_cell.angle_beta   87.82
_cell.angle_gamma   89.91
#
_symmetry.space_group_name_H-M   'P 1'
#
loop_
_entity.id
_entity.type
_entity.pdbx_description
1 polymer 'Proto-oncogene tyrosine-protein kinase Src'
2 non-polymer 4-[(2,4-dichloro-5-methoxyphenyl)amino]-6-methoxy-7-[3-(4-methylpiperazin-1-yl)propoxy]quinoline-3-carbonitrile
3 water water
#
_entity_poly.entity_id   1
_entity_poly.type   'polypeptide(L)'
_entity_poly.pdbx_seq_one_letter_code
;GHMQTQGLAKDAWEIPRESLRLEVKLGQGCFGEVWMGTWNGTTRVAIKTLKPGTMSPEAFLQEAQVLKKLRHEKLVQLYA
VVSEEPIYIVMEYMSKGSLLDFLKGETGKYLRLPQLVDMAAQIASGMAYVERMNYVHRDLRAANILVGENLVCKVADFGL
ARLIEDNEYTARQGAKFPIKWTAPEAALYGRFTIKSDVWSFGILLTELTTKGRVPYPGMVNREVLDQVERGYRMPCPPEC
PESLHDLMCQCWRKEPEERPTFEYLQAFLEDYFTSTEPQYQPGENL
;
_entity_poly.pdbx_strand_id   A,B
#
loop_
_chem_comp.id
_chem_comp.type
_chem_comp.name
_chem_comp.formula
DB8 non-polymer 4-[(2,4-dichloro-5-methoxyphenyl)amino]-6-methoxy-7-[3-(4-methylpiperazin-1-yl)propoxy]quinoline-3-carbonitrile 'C26 H29 Cl2 N5 O3'
#
# COMPACT_ATOMS: atom_id res chain seq x y z
N LYS A 10 3.22 -12.27 -42.08
CA LYS A 10 4.00 -12.86 -41.00
C LYS A 10 4.96 -11.85 -40.36
N ASP A 11 5.17 -11.96 -39.05
CA ASP A 11 6.06 -11.05 -38.34
C ASP A 11 7.19 -11.80 -37.59
N ALA A 12 8.02 -11.03 -36.89
CA ALA A 12 9.22 -11.59 -36.27
C ALA A 12 8.95 -12.35 -34.97
N TRP A 13 7.67 -12.55 -34.67
CA TRP A 13 7.30 -13.37 -33.50
C TRP A 13 7.06 -14.82 -33.92
N GLU A 14 7.07 -15.07 -35.23
CA GLU A 14 6.81 -16.40 -35.78
C GLU A 14 8.04 -17.29 -35.77
N ILE A 15 7.83 -18.58 -35.50
CA ILE A 15 8.91 -19.56 -35.49
C ILE A 15 8.57 -20.79 -36.33
N PRO A 16 9.60 -21.58 -36.68
CA PRO A 16 9.37 -22.93 -37.20
C PRO A 16 8.72 -23.78 -36.12
N ARG A 17 7.65 -24.49 -36.46
CA ARG A 17 7.03 -25.42 -35.53
C ARG A 17 7.95 -26.61 -35.24
N GLU A 18 8.78 -26.97 -36.22
CA GLU A 18 9.80 -28.01 -36.06
C GLU A 18 10.73 -27.70 -34.88
N SER A 19 10.67 -26.46 -34.40
CA SER A 19 11.44 -26.03 -33.23
C SER A 19 10.91 -26.64 -31.93
N LEU A 20 9.68 -27.16 -31.99
CA LEU A 20 8.88 -27.39 -30.80
C LEU A 20 8.66 -28.84 -30.41
N ARG A 21 9.16 -29.21 -29.24
CA ARG A 21 8.86 -30.51 -28.66
C ARG A 21 7.59 -30.42 -27.81
N LEU A 22 6.44 -30.73 -28.39
CA LEU A 22 5.22 -30.91 -27.59
C LEU A 22 5.38 -32.17 -26.75
N GLU A 23 5.59 -32.00 -25.43
CA GLU A 23 5.95 -33.12 -24.57
C GLU A 23 4.81 -33.57 -23.66
N VAL A 24 4.85 -33.15 -22.39
CA VAL A 24 3.81 -33.53 -21.43
C VAL A 24 2.53 -32.73 -21.71
N LYS A 25 1.38 -33.27 -21.34
CA LYS A 25 0.13 -32.52 -21.48
C LYS A 25 -0.29 -31.91 -20.16
N LEU A 26 -0.81 -30.69 -20.20
CA LEU A 26 -1.15 -29.96 -18.98
C LEU A 26 -2.64 -29.64 -18.81
N GLY A 27 -3.35 -29.50 -19.93
CA GLY A 27 -4.78 -29.23 -19.89
C GLY A 27 -5.49 -29.26 -21.25
N GLN A 28 -6.81 -29.14 -21.21
CA GLN A 28 -7.62 -28.99 -22.42
C GLN A 28 -8.60 -27.84 -22.19
N GLY A 29 -9.50 -27.64 -23.14
CA GLY A 29 -10.51 -26.62 -23.01
C GLY A 29 -11.58 -26.69 -24.08
N CYS A 30 -12.23 -25.55 -24.35
CA CYS A 30 -13.12 -25.43 -25.49
C CYS A 30 -12.37 -24.70 -26.59
N PHE A 31 -11.04 -24.63 -26.41
CA PHE A 31 -10.14 -23.92 -27.31
C PHE A 31 -9.08 -24.87 -27.86
N GLY A 32 -8.51 -25.69 -26.98
CA GLY A 32 -7.42 -26.55 -27.33
C GLY A 32 -6.77 -27.10 -26.08
N GLU A 33 -5.44 -26.96 -25.98
CA GLU A 33 -4.70 -27.58 -24.88
C GLU A 33 -3.65 -26.66 -24.27
N VAL A 34 -2.96 -27.18 -23.26
CA VAL A 34 -1.73 -26.59 -22.76
C VAL A 34 -0.68 -27.68 -22.52
N TRP A 35 0.54 -27.48 -22.98
CA TRP A 35 1.58 -28.52 -22.90
C TRP A 35 2.87 -28.00 -22.32
N MET A 36 3.58 -28.81 -21.54
CA MET A 36 4.98 -28.47 -21.32
C MET A 36 5.64 -28.77 -22.64
N GLY A 37 6.81 -28.20 -22.87
CA GLY A 37 7.53 -28.51 -24.08
C GLY A 37 8.95 -28.00 -24.06
N THR A 38 9.61 -28.13 -25.20
CA THR A 38 11.00 -27.71 -25.33
C THR A 38 11.19 -26.94 -26.63
N TRP A 39 11.90 -25.83 -26.57
CA TRP A 39 12.02 -24.94 -27.71
C TRP A 39 13.46 -24.84 -28.18
N ASN A 40 13.71 -25.26 -29.42
CA ASN A 40 15.07 -25.25 -29.94
C ASN A 40 15.99 -26.07 -29.03
N GLY A 41 15.43 -27.15 -28.47
CA GLY A 41 16.19 -28.10 -27.66
C GLY A 41 16.78 -27.63 -26.34
N THR A 42 16.71 -26.33 -26.06
CA THR A 42 17.39 -25.79 -24.88
C THR A 42 16.41 -25.19 -23.89
N THR A 43 15.26 -24.79 -24.38
CA THR A 43 14.39 -23.86 -23.67
C THR A 43 13.06 -24.45 -23.26
N ARG A 44 12.81 -24.45 -21.95
CA ARG A 44 11.52 -24.88 -21.45
C ARG A 44 10.45 -23.84 -21.74
N VAL A 45 9.39 -24.26 -22.40
CA VAL A 45 8.28 -23.38 -22.67
C VAL A 45 6.95 -24.06 -22.35
N ALA A 46 5.89 -23.28 -22.46
CA ALA A 46 4.54 -23.79 -22.35
C ALA A 46 3.84 -23.41 -23.65
N ILE A 47 2.96 -24.29 -24.14
CA ILE A 47 2.23 -23.99 -25.38
C ILE A 47 0.73 -24.08 -25.21
N LYS A 48 0.03 -22.97 -25.45
CA LYS A 48 -1.42 -23.00 -25.59
C LYS A 48 -1.73 -23.43 -27.01
N THR A 49 -2.47 -24.51 -27.17
CA THR A 49 -2.61 -25.13 -28.48
C THR A 49 -3.96 -24.88 -29.11
N LEU A 50 -3.97 -24.97 -30.43
CA LEU A 50 -5.17 -25.24 -31.18
C LEU A 50 -5.05 -26.71 -31.57
N LYS A 51 -5.97 -27.55 -31.10
CA LYS A 51 -6.09 -28.90 -31.67
C LYS A 51 -6.94 -28.73 -32.92
N PRO A 52 -6.38 -29.10 -34.09
CA PRO A 52 -6.58 -28.48 -35.41
C PRO A 52 -7.63 -27.36 -35.52
N GLY A 53 -8.87 -27.70 -35.84
CA GLY A 53 -9.87 -26.70 -36.15
C GLY A 53 -10.46 -25.81 -35.06
N THR A 54 -10.39 -26.28 -33.80
CA THR A 54 -11.21 -25.73 -32.69
C THR A 54 -11.85 -24.32 -32.82
N MET A 55 -11.09 -23.30 -33.24
CA MET A 55 -11.71 -21.97 -33.39
C MET A 55 -11.02 -21.00 -34.37
N SER A 56 -11.53 -19.76 -34.42
CA SER A 56 -11.11 -18.75 -35.40
C SER A 56 -9.62 -18.41 -35.33
N PRO A 57 -8.99 -18.18 -36.50
CA PRO A 57 -7.56 -17.85 -36.62
C PRO A 57 -7.13 -16.72 -35.68
N GLU A 58 -7.34 -15.47 -36.10
CA GLU A 58 -7.00 -14.32 -35.25
C GLU A 58 -8.13 -14.00 -34.29
N ALA A 59 -8.56 -15.03 -33.58
CA ALA A 59 -9.32 -14.88 -32.36
C ALA A 59 -8.41 -15.50 -31.32
N PHE A 60 -8.01 -16.73 -31.60
CA PHE A 60 -6.92 -17.40 -30.90
C PHE A 60 -5.65 -16.55 -31.07
N LEU A 61 -5.49 -15.98 -32.27
CA LEU A 61 -4.34 -15.15 -32.61
C LEU A 61 -4.67 -13.66 -32.66
N GLN A 62 -5.18 -13.16 -31.53
CA GLN A 62 -5.21 -11.72 -31.25
C GLN A 62 -4.87 -11.51 -29.78
N GLU A 63 -4.86 -12.61 -29.01
CA GLU A 63 -4.25 -12.63 -27.67
C GLU A 63 -2.73 -12.50 -27.80
N ALA A 64 -2.24 -12.86 -29.00
CA ALA A 64 -0.85 -12.66 -29.36
C ALA A 64 -0.56 -11.17 -29.57
N GLN A 65 -1.43 -10.52 -30.34
CA GLN A 65 -1.27 -9.12 -30.69
C GLN A 65 -1.34 -8.19 -29.45
N VAL A 66 -2.00 -8.65 -28.39
CA VAL A 66 -2.00 -7.94 -27.11
C VAL A 66 -0.69 -8.28 -26.36
N LEU A 67 -0.36 -9.56 -26.35
CA LEU A 67 0.79 -10.08 -25.63
C LEU A 67 2.12 -9.72 -26.28
N LYS A 68 2.08 -9.25 -27.52
CA LYS A 68 3.30 -8.83 -28.20
C LYS A 68 3.68 -7.43 -27.73
N LYS A 69 2.68 -6.59 -27.55
CA LYS A 69 2.91 -5.20 -27.16
C LYS A 69 2.98 -5.01 -25.65
N LEU A 70 2.62 -6.04 -24.90
CA LEU A 70 2.76 -5.99 -23.44
C LEU A 70 4.00 -6.78 -23.04
N ARG A 71 4.69 -6.33 -22.00
CA ARG A 71 6.02 -6.86 -21.72
C ARG A 71 6.49 -6.42 -20.33
N HIS A 72 5.99 -7.11 -19.31
CA HIS A 72 6.31 -6.77 -17.92
C HIS A 72 6.74 -8.02 -17.17
N GLU A 73 7.43 -7.85 -16.05
CA GLU A 73 7.95 -9.01 -15.33
C GLU A 73 6.84 -9.76 -14.59
N LYS A 74 5.76 -9.04 -14.27
CA LYS A 74 4.62 -9.62 -13.55
C LYS A 74 3.52 -10.05 -14.52
N LEU A 75 3.84 -10.02 -15.81
CA LEU A 75 2.94 -10.58 -16.82
C LEU A 75 3.63 -11.80 -17.42
N VAL A 76 2.88 -12.86 -17.68
CA VAL A 76 3.45 -14.01 -18.37
C VAL A 76 3.97 -13.60 -19.77
N GLN A 77 5.16 -14.08 -20.12
CA GLN A 77 5.84 -13.60 -21.32
C GLN A 77 5.61 -14.47 -22.56
N LEU A 78 5.30 -13.81 -23.66
CA LEU A 78 5.22 -14.45 -24.97
C LEU A 78 6.64 -14.79 -25.43
N TYR A 79 6.83 -15.98 -26.00
CA TYR A 79 8.11 -16.30 -26.62
C TYR A 79 8.00 -16.30 -28.13
N ALA A 80 6.99 -17.00 -28.65
CA ALA A 80 6.77 -17.01 -30.09
C ALA A 80 5.37 -17.48 -30.44
N VAL A 81 5.07 -17.49 -31.74
CA VAL A 81 3.78 -17.97 -32.23
C VAL A 81 3.93 -18.83 -33.49
N VAL A 82 2.89 -19.60 -33.78
CA VAL A 82 2.82 -20.45 -34.96
C VAL A 82 1.49 -20.27 -35.68
N SER A 83 1.56 -20.28 -37.02
CA SER A 83 0.36 -20.31 -37.86
C SER A 83 0.66 -21.20 -39.05
N GLU A 84 1.91 -21.68 -39.10
CA GLU A 84 2.29 -22.83 -39.91
C GLU A 84 1.54 -24.03 -39.34
N GLU A 85 0.23 -24.08 -39.60
CA GLU A 85 -0.66 -25.03 -38.95
C GLU A 85 -0.21 -26.47 -39.24
N PRO A 86 -0.18 -27.33 -38.20
CA PRO A 86 -0.67 -27.14 -36.80
C PRO A 86 -0.21 -25.87 -36.06
N ILE A 87 -1.03 -25.43 -35.11
CA ILE A 87 -0.93 -24.07 -34.58
C ILE A 87 -0.71 -23.92 -33.06
N TYR A 88 0.14 -22.97 -32.68
CA TYR A 88 0.57 -22.84 -31.29
C TYR A 88 0.78 -21.38 -30.83
N ILE A 89 0.63 -21.16 -29.52
CA ILE A 89 1.08 -19.93 -28.87
C ILE A 89 2.16 -20.27 -27.83
N VAL A 90 3.38 -19.83 -28.06
CA VAL A 90 4.50 -20.27 -27.23
C VAL A 90 4.88 -19.25 -26.14
N MET A 91 4.92 -19.70 -24.88
CA MET A 91 5.12 -18.78 -23.78
C MET A 91 6.06 -19.28 -22.70
N GLU A 92 6.46 -18.34 -21.85
CA GLU A 92 7.24 -18.58 -20.64
C GLU A 92 6.58 -19.64 -19.75
N TYR A 93 7.37 -20.56 -19.21
CA TYR A 93 6.81 -21.70 -18.44
C TYR A 93 6.74 -21.46 -16.93
N MET A 94 5.52 -21.46 -16.39
CA MET A 94 5.33 -21.21 -14.96
C MET A 94 5.22 -22.50 -14.13
N SER A 95 6.25 -22.76 -13.31
CA SER A 95 6.43 -24.05 -12.65
C SER A 95 5.28 -24.53 -11.74
N LYS A 96 4.62 -23.63 -11.03
CA LYS A 96 3.61 -24.07 -10.05
C LYS A 96 2.17 -23.93 -10.53
N GLY A 97 1.99 -23.71 -11.83
CA GLY A 97 0.66 -23.62 -12.42
C GLY A 97 -0.19 -22.49 -11.86
N SER A 98 -1.47 -22.55 -12.20
CA SER A 98 -2.50 -21.60 -11.79
C SER A 98 -2.50 -21.21 -10.30
N LEU A 99 -2.68 -19.91 -10.03
CA LEU A 99 -2.86 -19.43 -8.66
C LEU A 99 -4.04 -20.10 -7.95
N LEU A 100 -5.10 -20.43 -8.72
CA LEU A 100 -6.26 -21.10 -8.16
C LEU A 100 -5.85 -22.50 -7.66
N ASP A 101 -5.23 -23.28 -8.54
CA ASP A 101 -4.77 -24.61 -8.15
C ASP A 101 -3.78 -24.47 -6.99
N PHE A 102 -2.94 -23.44 -7.05
CA PHE A 102 -1.93 -23.26 -6.01
C PHE A 102 -2.57 -23.00 -4.65
N LEU A 103 -3.64 -22.22 -4.63
CA LEU A 103 -4.32 -21.89 -3.38
C LEU A 103 -5.12 -23.07 -2.82
N LYS A 104 -5.68 -23.88 -3.72
CA LYS A 104 -6.50 -25.01 -3.31
C LYS A 104 -5.59 -26.18 -2.93
N GLY A 105 -4.41 -26.24 -3.54
CA GLY A 105 -3.48 -27.32 -3.31
C GLY A 105 -2.77 -27.40 -1.96
N GLU A 106 -1.81 -28.33 -1.89
CA GLU A 106 -1.14 -28.70 -0.64
C GLU A 106 -0.46 -27.54 0.09
N THR A 107 0.06 -26.59 -0.68
CA THR A 107 0.81 -25.48 -0.08
C THR A 107 -0.16 -24.38 0.35
N GLY A 108 -1.32 -24.35 -0.29
CA GLY A 108 -2.33 -23.37 0.01
C GLY A 108 -2.48 -23.12 1.50
N LYS A 109 -2.61 -24.19 2.27
CA LYS A 109 -3.00 -24.03 3.67
C LYS A 109 -1.88 -23.49 4.54
N TYR A 110 -0.64 -23.52 4.06
CA TYR A 110 0.42 -22.91 4.87
C TYR A 110 0.52 -21.43 4.61
N LEU A 111 -0.02 -21.00 3.46
CA LEU A 111 -0.04 -19.59 3.09
C LEU A 111 -0.65 -18.67 4.15
N ARG A 112 0.10 -17.64 4.50
CA ARG A 112 -0.40 -16.67 5.46
C ARG A 112 -0.55 -15.30 4.81
N LEU A 113 -1.21 -14.40 5.52
CA LEU A 113 -1.45 -13.06 5.00
C LEU A 113 -0.21 -12.45 4.33
N PRO A 114 0.93 -12.40 5.03
CA PRO A 114 2.11 -11.76 4.43
C PRO A 114 2.41 -12.29 3.04
N GLN A 115 2.42 -13.61 2.90
CA GLN A 115 2.53 -14.21 1.57
C GLN A 115 1.40 -13.75 0.64
N LEU A 116 0.15 -13.88 1.09
CA LEU A 116 -0.99 -13.62 0.22
C LEU A 116 -1.04 -12.16 -0.24
N VAL A 117 -0.67 -11.24 0.66
CA VAL A 117 -0.70 -9.83 0.32
C VAL A 117 0.36 -9.54 -0.73
N ASP A 118 1.51 -10.20 -0.58
CA ASP A 118 2.60 -10.00 -1.53
C ASP A 118 2.29 -10.59 -2.91
N MET A 119 1.51 -11.65 -2.95
CA MET A 119 1.08 -12.18 -4.25
C MET A 119 0.15 -11.16 -4.86
N ALA A 120 -0.79 -10.69 -4.06
CA ALA A 120 -1.72 -9.64 -4.47
C ALA A 120 -0.93 -8.47 -5.04
N ALA A 121 0.10 -8.07 -4.29
CA ALA A 121 0.99 -7.01 -4.73
C ALA A 121 1.51 -7.20 -6.18
N GLN A 122 2.16 -8.33 -6.42
CA GLN A 122 2.77 -8.60 -7.72
C GLN A 122 1.75 -8.45 -8.83
N ILE A 123 0.56 -9.01 -8.60
CA ILE A 123 -0.54 -8.94 -9.55
C ILE A 123 -0.97 -7.48 -9.76
N ALA A 124 -1.22 -6.76 -8.67
CA ALA A 124 -1.45 -5.32 -8.75
C ALA A 124 -0.39 -4.68 -9.66
N SER A 125 0.85 -5.07 -9.45
CA SER A 125 1.99 -4.55 -10.21
C SER A 125 1.84 -4.82 -11.69
N GLY A 126 1.59 -6.07 -12.05
CA GLY A 126 1.33 -6.40 -13.44
C GLY A 126 0.20 -5.54 -14.00
N MET A 127 -0.90 -5.46 -13.25
CA MET A 127 -2.08 -4.74 -13.72
C MET A 127 -1.86 -3.23 -13.80
N ALA A 128 -0.93 -2.72 -13.00
CA ALA A 128 -0.69 -1.28 -12.98
C ALA A 128 0.04 -0.91 -14.27
N TYR A 129 0.90 -1.80 -14.72
CA TYR A 129 1.57 -1.67 -16.01
C TYR A 129 0.53 -1.68 -17.13
N VAL A 130 -0.24 -2.77 -17.21
CA VAL A 130 -1.44 -2.80 -18.06
C VAL A 130 -2.19 -1.46 -18.05
N GLU A 131 -2.43 -0.93 -16.85
CA GLU A 131 -3.18 0.30 -16.65
C GLU A 131 -2.56 1.49 -17.39
N ARG A 132 -1.24 1.69 -17.26
CA ARG A 132 -0.57 2.77 -17.96
C ARG A 132 -0.30 2.52 -19.45
N MET A 133 -0.41 1.26 -19.89
CA MET A 133 -0.33 0.92 -21.31
C MET A 133 -1.68 1.13 -22.00
N ASN A 134 -2.68 1.52 -21.21
CA ASN A 134 -4.05 1.75 -21.70
C ASN A 134 -4.75 0.53 -22.27
N TYR A 135 -4.44 -0.63 -21.69
CA TYR A 135 -5.15 -1.85 -22.07
C TYR A 135 -6.15 -2.27 -20.98
N VAL A 136 -7.02 -3.22 -21.33
CA VAL A 136 -7.90 -3.81 -20.33
C VAL A 136 -7.80 -5.33 -20.44
N HIS A 137 -7.90 -6.02 -19.31
CA HIS A 137 -7.65 -7.46 -19.31
C HIS A 137 -8.93 -8.23 -19.64
N ARG A 138 -10.03 -7.78 -19.05
CA ARG A 138 -11.37 -8.33 -19.30
C ARG A 138 -11.66 -9.64 -18.57
N ASP A 139 -10.62 -10.32 -18.09
CA ASP A 139 -10.83 -11.61 -17.42
C ASP A 139 -9.82 -11.86 -16.31
N LEU A 140 -9.85 -10.98 -15.31
CA LEU A 140 -8.94 -11.10 -14.20
C LEU A 140 -9.57 -11.92 -13.09
N ARG A 141 -8.83 -12.94 -12.67
CA ARG A 141 -9.24 -13.85 -11.62
C ARG A 141 -8.10 -14.84 -11.36
N ALA A 142 -8.09 -15.45 -10.18
CA ALA A 142 -6.99 -16.30 -9.74
C ALA A 142 -6.62 -17.40 -10.76
N ALA A 143 -7.60 -17.83 -11.56
CA ALA A 143 -7.39 -18.92 -12.52
C ALA A 143 -6.48 -18.49 -13.65
N ASN A 144 -6.51 -17.18 -13.93
CA ASN A 144 -5.63 -16.60 -14.94
C ASN A 144 -4.40 -15.93 -14.31
N ILE A 145 -4.02 -16.40 -13.12
CA ILE A 145 -2.73 -16.00 -12.56
C ILE A 145 -1.82 -17.20 -12.42
N LEU A 146 -0.66 -17.15 -13.07
CA LEU A 146 0.30 -18.23 -12.94
C LEU A 146 1.32 -17.95 -11.84
N VAL A 147 1.71 -19.01 -11.13
CA VAL A 147 2.71 -18.91 -10.07
C VAL A 147 3.95 -19.64 -10.52
N GLY A 148 5.11 -19.07 -10.21
CA GLY A 148 6.38 -19.71 -10.49
C GLY A 148 7.08 -20.01 -9.19
N GLU A 149 8.41 -20.11 -9.25
CA GLU A 149 9.20 -20.35 -8.03
C GLU A 149 9.20 -19.12 -7.13
N ASN A 150 9.48 -19.34 -5.84
CA ASN A 150 9.65 -18.24 -4.89
C ASN A 150 8.38 -17.40 -4.78
N LEU A 151 7.24 -18.07 -4.95
CA LEU A 151 5.94 -17.43 -4.77
C LEU A 151 5.72 -16.25 -5.73
N VAL A 152 6.37 -16.29 -6.90
CA VAL A 152 6.19 -15.28 -7.93
C VAL A 152 4.84 -15.48 -8.63
N CYS A 153 4.07 -14.40 -8.83
CA CYS A 153 2.80 -14.50 -9.58
C CYS A 153 2.76 -13.57 -10.81
N LYS A 154 2.24 -14.07 -11.92
CA LYS A 154 2.12 -13.24 -13.13
C LYS A 154 0.75 -13.32 -13.76
N VAL A 155 0.33 -12.20 -14.36
CA VAL A 155 -0.95 -12.17 -15.08
C VAL A 155 -0.79 -12.88 -16.42
N ALA A 156 -1.81 -13.65 -16.79
CA ALA A 156 -1.78 -14.43 -18.01
C ALA A 156 -3.16 -14.42 -18.64
N ASP A 157 -3.25 -14.93 -19.86
CA ASP A 157 -4.52 -15.15 -20.53
C ASP A 157 -5.31 -13.88 -20.79
N PHE A 158 -4.69 -12.93 -21.47
CA PHE A 158 -5.37 -11.73 -21.93
C PHE A 158 -6.35 -12.07 -23.07
N GLY A 159 -6.87 -13.31 -23.04
CA GLY A 159 -7.53 -13.90 -24.20
C GLY A 159 -8.74 -13.18 -24.75
N LEU A 160 -9.19 -12.15 -24.07
CA LEU A 160 -10.29 -11.32 -24.56
C LEU A 160 -9.85 -9.84 -24.67
N ALA A 161 -8.60 -9.59 -24.29
CA ALA A 161 -8.07 -8.24 -24.03
C ALA A 161 -8.01 -7.31 -25.25
N ARG A 162 -7.82 -6.02 -24.97
CA ARG A 162 -8.09 -4.95 -25.94
C ARG A 162 -7.53 -3.58 -25.52
N LEU A 163 -7.28 -2.71 -26.50
CA LEU A 163 -7.14 -1.28 -26.24
C LEU A 163 -8.49 -0.78 -25.73
N ILE A 164 -8.49 0.22 -24.86
CA ILE A 164 -9.75 0.87 -24.51
C ILE A 164 -10.14 1.83 -25.64
N GLU A 165 -10.68 1.26 -26.73
CA GLU A 165 -11.17 2.05 -27.87
C GLU A 165 -12.65 2.41 -27.67
N PHE A 177 -19.34 -14.76 -19.99
CA PHE A 177 -18.38 -13.91 -19.28
C PHE A 177 -18.55 -14.06 -17.75
N PRO A 178 -17.73 -14.92 -17.13
CA PRO A 178 -18.02 -15.42 -15.76
C PRO A 178 -18.27 -14.23 -14.84
N ILE A 179 -19.55 -14.07 -14.51
CA ILE A 179 -20.02 -12.79 -14.02
C ILE A 179 -19.65 -12.51 -12.57
N LYS A 180 -19.17 -13.52 -11.84
CA LYS A 180 -18.87 -13.34 -10.42
C LYS A 180 -17.59 -12.52 -10.25
N TRP A 181 -16.69 -12.64 -11.21
CA TRP A 181 -15.51 -11.82 -11.26
C TRP A 181 -15.75 -10.55 -12.12
N THR A 182 -16.91 -10.48 -12.76
CA THR A 182 -17.16 -9.41 -13.72
C THR A 182 -17.92 -8.23 -13.11
N ALA A 183 -17.37 -7.03 -13.28
CA ALA A 183 -18.01 -5.79 -12.84
C ALA A 183 -19.35 -5.64 -13.53
N PRO A 184 -20.36 -5.18 -12.76
CA PRO A 184 -21.74 -5.04 -13.25
C PRO A 184 -21.79 -4.32 -14.60
N GLU A 185 -21.27 -3.09 -14.67
CA GLU A 185 -21.36 -2.33 -15.91
C GLU A 185 -20.76 -3.06 -17.11
N ALA A 186 -19.81 -3.95 -16.84
CA ALA A 186 -19.18 -4.72 -17.91
C ALA A 186 -20.00 -5.94 -18.28
N ALA A 187 -20.54 -6.63 -17.28
CA ALA A 187 -21.39 -7.80 -17.52
C ALA A 187 -22.69 -7.41 -18.19
N LEU A 188 -23.32 -6.36 -17.68
CA LEU A 188 -24.60 -5.88 -18.18
C LEU A 188 -24.49 -5.15 -19.53
N TYR A 189 -23.67 -4.10 -19.56
CA TYR A 189 -23.65 -3.19 -20.71
C TYR A 189 -22.40 -3.31 -21.58
N GLY A 190 -21.55 -4.25 -21.23
CA GLY A 190 -20.35 -4.54 -22.01
C GLY A 190 -19.34 -3.42 -21.90
N ARG A 191 -19.48 -2.56 -20.88
CA ARG A 191 -18.51 -1.51 -20.64
C ARG A 191 -17.24 -2.05 -19.95
N PHE A 192 -16.32 -2.61 -20.73
CA PHE A 192 -15.03 -3.05 -20.17
C PHE A 192 -14.03 -1.89 -20.05
N THR A 193 -13.53 -1.67 -18.83
CA THR A 193 -12.48 -0.70 -18.57
C THR A 193 -11.46 -1.24 -17.59
N ILE A 194 -10.33 -0.53 -17.47
CA ILE A 194 -9.36 -0.88 -16.46
C ILE A 194 -10.07 -0.84 -15.11
N LYS A 195 -11.08 0.03 -15.01
CA LYS A 195 -11.90 0.11 -13.82
C LYS A 195 -12.74 -1.15 -13.59
N SER A 196 -13.04 -1.89 -14.66
CA SER A 196 -13.79 -3.11 -14.43
C SER A 196 -12.81 -4.23 -14.05
N ASP A 197 -11.60 -4.19 -14.60
CA ASP A 197 -10.54 -5.07 -14.09
C ASP A 197 -10.34 -4.88 -12.58
N VAL A 198 -10.35 -3.62 -12.13
CA VAL A 198 -10.22 -3.34 -10.70
C VAL A 198 -11.29 -4.08 -9.90
N TRP A 199 -12.55 -3.87 -10.27
CA TRP A 199 -13.62 -4.66 -9.66
C TRP A 199 -13.18 -6.12 -9.50
N SER A 200 -12.66 -6.71 -10.57
CA SER A 200 -12.25 -8.12 -10.54
C SER A 200 -11.06 -8.33 -9.59
N PHE A 201 -10.18 -7.34 -9.53
CA PHE A 201 -9.05 -7.47 -8.62
C PHE A 201 -9.55 -7.66 -7.19
N GLY A 202 -10.53 -6.85 -6.79
CA GLY A 202 -11.16 -6.99 -5.47
C GLY A 202 -11.75 -8.37 -5.22
N ILE A 203 -12.39 -8.94 -6.25
CA ILE A 203 -12.89 -10.31 -6.14
C ILE A 203 -11.71 -11.26 -6.02
N LEU A 204 -10.68 -11.02 -6.82
CA LEU A 204 -9.45 -11.79 -6.73
C LEU A 204 -8.88 -11.71 -5.30
N LEU A 205 -9.07 -10.57 -4.63
CA LEU A 205 -8.63 -10.47 -3.24
C LEU A 205 -9.39 -11.42 -2.28
N THR A 206 -10.63 -11.79 -2.62
CA THR A 206 -11.39 -12.72 -1.77
C THR A 206 -10.92 -14.15 -1.97
N GLU A 207 -10.53 -14.45 -3.20
CA GLU A 207 -9.91 -15.73 -3.54
C GLU A 207 -8.61 -15.97 -2.74
N LEU A 208 -7.71 -14.98 -2.72
CA LEU A 208 -6.45 -15.13 -1.99
C LEU A 208 -6.68 -15.34 -0.50
N THR A 209 -7.58 -14.55 0.10
CA THR A 209 -7.82 -14.62 1.55
C THR A 209 -8.72 -15.78 1.97
N THR A 210 -9.34 -16.47 1.01
CA THR A 210 -10.11 -17.67 1.36
C THR A 210 -9.39 -18.91 0.85
N LYS A 211 -8.25 -18.69 0.22
CA LYS A 211 -7.43 -19.77 -0.34
C LYS A 211 -8.17 -20.49 -1.48
N GLY A 212 -8.71 -19.73 -2.43
CA GLY A 212 -9.29 -20.30 -3.62
C GLY A 212 -10.80 -20.51 -3.60
N ARG A 213 -11.45 -20.18 -2.48
CA ARG A 213 -12.88 -20.39 -2.41
C ARG A 213 -13.62 -19.58 -3.45
N VAL A 214 -14.53 -20.23 -4.18
CA VAL A 214 -15.37 -19.52 -5.12
C VAL A 214 -16.13 -18.39 -4.40
N PRO A 215 -16.11 -17.18 -4.98
CA PRO A 215 -16.79 -15.98 -4.49
C PRO A 215 -18.32 -16.19 -4.38
N TYR A 216 -19.00 -15.34 -3.61
CA TYR A 216 -20.47 -15.39 -3.50
C TYR A 216 -20.99 -16.81 -3.21
N PRO A 217 -20.46 -17.43 -2.14
CA PRO A 217 -20.78 -18.82 -1.76
C PRO A 217 -22.29 -19.06 -1.76
N GLY A 218 -22.73 -20.13 -2.40
CA GLY A 218 -24.12 -20.53 -2.32
C GLY A 218 -25.03 -19.80 -3.30
N MET A 219 -24.51 -18.79 -3.98
CA MET A 219 -25.31 -18.00 -4.91
C MET A 219 -25.06 -18.43 -6.35
N VAL A 220 -26.10 -18.33 -7.19
CA VAL A 220 -25.94 -18.59 -8.63
C VAL A 220 -25.78 -17.27 -9.39
N ASN A 221 -25.28 -17.37 -10.62
CA ASN A 221 -24.99 -16.15 -11.38
C ASN A 221 -26.09 -15.08 -11.28
N ARG A 222 -27.30 -15.39 -11.76
CA ARG A 222 -28.40 -14.42 -11.82
C ARG A 222 -28.68 -13.78 -10.45
N GLU A 223 -28.64 -14.59 -9.39
CA GLU A 223 -28.74 -14.07 -8.03
C GLU A 223 -27.59 -13.11 -7.67
N VAL A 224 -26.36 -13.44 -8.09
CA VAL A 224 -25.22 -12.53 -7.88
C VAL A 224 -25.46 -11.18 -8.58
N LEU A 225 -25.91 -11.26 -9.82
CA LEU A 225 -26.17 -10.06 -10.59
C LEU A 225 -27.26 -9.20 -9.94
N ASP A 226 -28.28 -9.85 -9.39
CA ASP A 226 -29.40 -9.12 -8.81
C ASP A 226 -29.06 -8.52 -7.47
N GLN A 227 -28.32 -9.26 -6.64
CA GLN A 227 -27.95 -8.73 -5.33
C GLN A 227 -26.86 -7.66 -5.44
N VAL A 228 -25.89 -7.86 -6.33
CA VAL A 228 -24.81 -6.88 -6.48
C VAL A 228 -25.33 -5.52 -6.98
N GLU A 229 -26.37 -5.54 -7.79
CA GLU A 229 -26.97 -4.31 -8.29
C GLU A 229 -27.81 -3.58 -7.22
N ARG A 230 -28.33 -4.34 -6.26
CA ARG A 230 -28.98 -3.73 -5.10
C ARG A 230 -27.94 -3.34 -4.06
N GLY A 231 -26.66 -3.66 -4.35
CA GLY A 231 -25.56 -3.23 -3.49
C GLY A 231 -25.07 -4.25 -2.48
N TYR A 232 -25.43 -5.52 -2.64
CA TYR A 232 -24.80 -6.57 -1.83
C TYR A 232 -23.31 -6.64 -2.14
N ARG A 233 -22.50 -6.78 -1.10
CA ARG A 233 -21.07 -7.02 -1.29
C ARG A 233 -20.61 -8.14 -0.34
N MET A 234 -19.64 -8.94 -0.77
CA MET A 234 -19.09 -9.96 0.11
C MET A 234 -18.53 -9.35 1.39
N PRO A 235 -18.86 -9.96 2.53
CA PRO A 235 -18.37 -9.45 3.83
C PRO A 235 -16.93 -9.87 4.07
N CYS A 236 -16.34 -9.29 5.10
CA CYS A 236 -14.95 -9.55 5.43
C CYS A 236 -14.69 -11.05 5.68
N PRO A 237 -13.93 -11.68 4.78
CA PRO A 237 -13.53 -13.09 4.93
C PRO A 237 -12.94 -13.31 6.32
N PRO A 238 -13.12 -14.52 6.89
CA PRO A 238 -12.68 -14.80 8.26
C PRO A 238 -11.17 -14.62 8.43
N GLU A 239 -10.79 -13.90 9.49
CA GLU A 239 -9.39 -13.64 9.83
C GLU A 239 -8.78 -12.63 8.89
N CYS A 240 -9.56 -12.13 7.94
CA CYS A 240 -9.09 -11.03 7.11
C CYS A 240 -9.28 -9.68 7.83
N PRO A 241 -8.22 -8.87 7.92
CA PRO A 241 -8.33 -7.54 8.54
C PRO A 241 -9.40 -6.68 7.88
N GLU A 242 -10.05 -5.81 8.66
CA GLU A 242 -11.00 -4.84 8.13
C GLU A 242 -10.34 -3.93 7.07
N SER A 243 -9.09 -3.52 7.31
CA SER A 243 -8.43 -2.63 6.37
C SER A 243 -8.36 -3.27 4.98
N LEU A 244 -8.15 -4.58 4.94
CA LEU A 244 -8.06 -5.25 3.63
C LEU A 244 -9.41 -5.44 2.96
N HIS A 245 -10.48 -5.61 3.75
CA HIS A 245 -11.83 -5.68 3.22
C HIS A 245 -12.36 -4.29 2.83
N ASP A 246 -11.84 -3.25 3.46
CA ASP A 246 -12.17 -1.89 3.05
C ASP A 246 -11.73 -1.73 1.59
N LEU A 247 -10.50 -2.16 1.32
CA LEU A 247 -9.92 -2.05 -0.02
C LEU A 247 -10.74 -2.82 -1.04
N MET A 248 -11.25 -3.99 -0.65
CA MET A 248 -12.05 -4.74 -1.58
C MET A 248 -13.30 -3.90 -1.88
N CYS A 249 -13.87 -3.30 -0.84
CA CYS A 249 -15.09 -2.50 -1.00
C CYS A 249 -14.88 -1.31 -1.94
N GLN A 250 -13.74 -0.65 -1.80
CA GLN A 250 -13.37 0.41 -2.74
C GLN A 250 -13.31 -0.15 -4.16
N CYS A 251 -12.75 -1.35 -4.32
CA CYS A 251 -12.70 -1.97 -5.64
C CYS A 251 -14.09 -2.31 -6.17
N TRP A 252 -15.07 -2.45 -5.28
CA TRP A 252 -16.41 -2.82 -5.71
C TRP A 252 -17.39 -1.64 -5.78
N ARG A 253 -16.90 -0.42 -5.84
CA ARG A 253 -17.79 0.75 -5.92
C ARG A 253 -18.66 0.75 -7.17
N LYS A 254 -19.93 1.10 -6.98
CA LYS A 254 -20.87 1.21 -8.07
C LYS A 254 -20.30 2.03 -9.25
N GLU A 255 -19.83 3.24 -8.97
CA GLU A 255 -19.28 4.09 -10.03
C GLU A 255 -17.85 3.71 -10.41
N PRO A 256 -17.67 3.14 -11.61
CA PRO A 256 -16.36 2.72 -12.11
C PRO A 256 -15.24 3.73 -11.82
N GLU A 257 -15.52 5.02 -11.95
CA GLU A 257 -14.47 6.02 -11.81
C GLU A 257 -14.05 6.29 -10.35
N GLU A 258 -14.78 5.72 -9.40
CA GLU A 258 -14.47 5.88 -7.98
C GLU A 258 -13.62 4.74 -7.45
N ARG A 259 -13.61 3.62 -8.17
CA ARG A 259 -12.67 2.53 -7.88
C ARG A 259 -11.21 3.01 -7.97
N PRO A 260 -10.35 2.50 -7.07
CA PRO A 260 -8.94 2.93 -7.02
C PRO A 260 -8.16 2.49 -8.25
N THR A 261 -6.98 3.08 -8.47
CA THR A 261 -6.10 2.65 -9.56
C THR A 261 -5.30 1.41 -9.17
N PHE A 262 -4.78 0.70 -10.16
CA PHE A 262 -3.90 -0.42 -9.83
C PHE A 262 -2.61 0.10 -9.22
N GLU A 263 -2.28 1.36 -9.53
CA GLU A 263 -1.10 2.01 -8.96
C GLU A 263 -1.25 2.24 -7.46
N TYR A 264 -2.41 2.76 -7.05
CA TYR A 264 -2.71 2.87 -5.64
C TYR A 264 -2.72 1.48 -4.97
N LEU A 265 -3.35 0.50 -5.63
CA LEU A 265 -3.47 -0.84 -5.04
C LEU A 265 -2.11 -1.50 -4.90
N GLN A 266 -1.24 -1.32 -5.88
CA GLN A 266 0.08 -1.91 -5.82
C GLN A 266 0.86 -1.36 -4.62
N ALA A 267 0.87 -0.03 -4.49
CA ALA A 267 1.64 0.63 -3.44
C ALA A 267 1.02 0.34 -2.05
N PHE A 268 -0.30 0.25 -2.03
CA PHE A 268 -1.01 -0.03 -0.80
C PHE A 268 -0.63 -1.41 -0.25
N LEU A 269 -0.54 -2.40 -1.14
CA LEU A 269 -0.25 -3.78 -0.74
C LEU A 269 1.20 -4.00 -0.39
N GLU A 270 2.12 -3.40 -1.15
CA GLU A 270 3.54 -3.52 -0.81
C GLU A 270 3.76 -2.95 0.58
N ASP A 271 3.16 -1.80 0.87
CA ASP A 271 3.42 -1.09 2.13
C ASP A 271 2.55 -1.64 3.28
N TYR A 272 1.66 -2.57 2.95
CA TYR A 272 0.60 -2.96 3.86
C TYR A 272 1.05 -3.12 5.32
N PHE A 273 1.94 -4.07 5.57
CA PHE A 273 2.32 -4.41 6.95
C PHE A 273 3.09 -3.37 7.76
N THR A 274 3.53 -2.29 7.11
CA THR A 274 4.13 -1.19 7.86
C THR A 274 3.16 -0.01 8.00
N SER A 275 2.62 0.42 6.86
CA SER A 275 1.75 1.59 6.82
C SER A 275 0.31 1.29 7.33
N THR A 276 -0.19 0.09 7.09
CA THR A 276 -1.62 -0.13 7.30
C THR A 276 -1.96 -1.11 8.43
N GLU A 277 -1.27 -2.25 8.48
CA GLU A 277 -1.53 -3.23 9.54
C GLU A 277 -0.26 -3.57 10.28
N PRO A 278 0.37 -2.55 10.88
CA PRO A 278 1.72 -2.67 11.44
C PRO A 278 1.70 -3.46 12.76
N GLN A 279 0.52 -3.92 13.15
CA GLN A 279 0.38 -4.71 14.37
C GLN A 279 -0.19 -6.10 14.11
N TYR A 280 -0.22 -6.50 12.84
CA TYR A 280 -0.74 -7.82 12.46
C TYR A 280 -0.02 -8.96 13.22
N GLN A 281 -0.79 -9.92 13.72
CA GLN A 281 -0.21 -11.18 14.20
C GLN A 281 -0.96 -12.36 13.57
N PRO A 282 -0.23 -13.38 13.12
CA PRO A 282 -0.88 -14.51 12.44
C PRO A 282 -1.91 -15.21 13.33
N GLY A 283 -3.00 -15.69 12.74
CA GLY A 283 -4.00 -16.51 13.41
C GLY A 283 -3.83 -17.95 12.96
N GLU A 284 -4.92 -18.73 12.98
CA GLU A 284 -4.79 -20.14 12.62
C GLU A 284 -4.83 -20.34 11.11
N ASN A 285 -5.30 -19.33 10.39
CA ASN A 285 -5.34 -19.42 8.94
C ASN A 285 -4.58 -18.32 8.18
N LEU A 286 -4.55 -17.11 8.75
CA LEU A 286 -4.05 -15.93 8.04
C LEU A 286 -3.12 -15.07 8.91
N ASP B 11 -5.99 17.76 40.00
CA ASP B 11 -5.36 18.96 39.45
C ASP B 11 -6.31 19.74 38.53
N ALA B 12 -5.75 20.71 37.81
CA ALA B 12 -6.55 21.62 37.00
C ALA B 12 -6.98 20.95 35.70
N TRP B 13 -6.23 19.92 35.30
CA TRP B 13 -6.46 19.20 34.06
C TRP B 13 -7.64 18.20 34.09
N GLU B 14 -8.07 17.83 35.29
CA GLU B 14 -9.09 16.78 35.44
C GLU B 14 -10.50 17.22 35.07
N ILE B 15 -11.23 16.31 34.42
CA ILE B 15 -12.62 16.56 34.05
C ILE B 15 -13.55 15.43 34.54
N PRO B 16 -14.84 15.74 34.71
CA PRO B 16 -15.89 14.74 34.99
C PRO B 16 -15.97 13.70 33.87
N ARG B 17 -16.40 12.49 34.18
CA ARG B 17 -16.58 11.47 33.15
C ARG B 17 -17.79 11.82 32.29
N GLU B 18 -18.68 12.66 32.81
CA GLU B 18 -19.94 12.95 32.12
C GLU B 18 -19.78 14.06 31.10
N SER B 19 -18.63 14.73 31.12
CA SER B 19 -18.34 15.73 30.10
C SER B 19 -18.00 15.05 28.78
N LEU B 20 -17.51 13.81 28.87
CA LEU B 20 -17.03 13.09 27.71
C LEU B 20 -18.11 12.26 27.02
N ARG B 21 -18.18 12.37 25.70
CA ARG B 21 -19.16 11.63 24.92
C ARG B 21 -18.50 11.01 23.69
N LEU B 22 -17.97 9.80 23.86
CA LEU B 22 -17.27 9.10 22.76
C LEU B 22 -18.23 8.56 21.71
N GLU B 23 -18.05 9.02 20.47
CA GLU B 23 -18.98 8.74 19.37
C GLU B 23 -18.46 7.68 18.39
N VAL B 24 -17.53 8.08 17.53
CA VAL B 24 -16.99 7.16 16.53
C VAL B 24 -15.59 6.64 16.89
N LYS B 25 -15.44 5.32 16.97
CA LYS B 25 -14.14 4.71 17.28
C LYS B 25 -13.16 4.82 16.11
N LEU B 26 -12.10 5.62 16.30
CA LEU B 26 -11.14 5.92 15.23
C LEU B 26 -10.01 4.90 15.09
N GLY B 27 -9.70 4.18 16.16
CA GLY B 27 -8.59 3.25 16.12
C GLY B 27 -8.32 2.51 17.42
N GLN B 28 -8.62 1.23 17.44
CA GLN B 28 -8.35 0.40 18.61
C GLN B 28 -7.04 -0.36 18.41
N GLY B 29 -6.35 -0.63 19.52
CA GLY B 29 -5.21 -1.52 19.48
C GLY B 29 -5.48 -2.70 20.40
N CYS B 30 -4.51 -3.02 21.24
CA CYS B 30 -4.76 -3.90 22.39
C CYS B 30 -4.12 -3.30 23.65
N PHE B 31 -4.15 -1.97 23.70
CA PHE B 31 -3.70 -1.18 24.85
C PHE B 31 -4.62 0.02 25.10
N GLY B 32 -5.79 -0.02 24.46
CA GLY B 32 -6.77 1.05 24.57
C GLY B 32 -7.20 1.58 23.22
N GLU B 33 -8.31 2.31 23.18
CA GLU B 33 -8.89 2.75 21.92
C GLU B 33 -8.73 4.27 21.69
N VAL B 34 -9.11 4.74 20.50
CA VAL B 34 -9.07 6.17 20.18
C VAL B 34 -10.40 6.56 19.54
N TRP B 35 -11.05 7.58 20.11
CA TRP B 35 -12.40 7.94 19.70
C TRP B 35 -12.52 9.41 19.30
N MET B 36 -13.37 9.69 18.32
CA MET B 36 -13.90 11.03 18.15
C MET B 36 -15.06 11.18 19.12
N GLY B 37 -15.22 12.36 19.70
CA GLY B 37 -16.31 12.59 20.63
C GLY B 37 -16.47 14.07 20.92
N THR B 38 -17.29 14.39 21.91
CA THR B 38 -17.51 15.77 22.32
C THR B 38 -17.12 15.98 23.77
N TRP B 39 -17.06 17.24 24.17
CA TRP B 39 -16.61 17.60 25.50
C TRP B 39 -17.42 18.77 25.99
N ASN B 40 -18.16 18.59 27.09
CA ASN B 40 -19.08 19.62 27.55
C ASN B 40 -20.11 19.88 26.44
N GLY B 41 -20.53 18.80 25.79
CA GLY B 41 -21.51 18.84 24.72
C GLY B 41 -21.13 19.76 23.57
N THR B 42 -19.92 20.31 23.60
CA THR B 42 -19.58 21.48 22.80
C THR B 42 -18.29 21.36 21.98
N THR B 43 -17.25 20.85 22.62
CA THR B 43 -15.93 20.75 22.00
C THR B 43 -15.72 19.38 21.34
N ARG B 44 -15.43 19.38 20.04
CA ARG B 44 -14.99 18.17 19.36
C ARG B 44 -13.65 17.79 19.98
N VAL B 45 -13.41 16.49 20.16
CA VAL B 45 -12.18 16.06 20.80
C VAL B 45 -11.75 14.68 20.35
N ALA B 46 -10.46 14.39 20.51
CA ALA B 46 -9.95 13.05 20.36
C ALA B 46 -9.80 12.47 21.76
N ILE B 47 -10.23 11.22 21.94
CA ILE B 47 -10.17 10.58 23.24
C ILE B 47 -9.37 9.28 23.19
N LYS B 48 -8.38 9.16 24.08
CA LYS B 48 -7.63 7.92 24.20
C LYS B 48 -8.00 7.22 25.51
N THR B 49 -8.60 6.04 25.38
CA THR B 49 -8.95 5.25 26.56
C THR B 49 -7.82 4.29 26.90
N LEU B 50 -7.81 3.82 28.15
CA LEU B 50 -6.86 2.78 28.54
C LEU B 50 -7.62 1.53 28.98
N LYS B 51 -7.20 0.37 28.48
CA LYS B 51 -7.64 -0.90 29.03
C LYS B 51 -6.68 -1.19 30.20
N PRO B 52 -7.21 -1.20 31.43
CA PRO B 52 -6.35 -1.16 32.63
C PRO B 52 -5.79 -2.51 33.05
N GLY B 53 -6.06 -3.55 32.27
CA GLY B 53 -5.44 -4.84 32.51
C GLY B 53 -4.01 -4.89 31.97
N THR B 54 -3.71 -3.98 31.05
CA THR B 54 -2.55 -4.09 30.17
C THR B 54 -1.36 -3.18 30.52
N MET B 55 -1.58 -1.88 30.62
CA MET B 55 -0.47 -0.96 30.87
C MET B 55 -0.54 -0.29 32.24
N SER B 56 0.62 0.03 32.81
CA SER B 56 0.65 0.78 34.05
C SER B 56 0.08 2.18 33.83
N PRO B 57 -0.88 2.58 34.69
CA PRO B 57 -1.46 3.92 34.66
C PRO B 57 -0.40 5.00 34.46
N GLU B 58 0.76 4.80 35.07
CA GLU B 58 1.88 5.74 34.93
C GLU B 58 2.55 5.60 33.57
N ALA B 59 2.70 4.36 33.12
CA ALA B 59 3.30 4.06 31.82
C ALA B 59 2.30 4.23 30.68
N PHE B 60 1.20 4.92 30.96
CA PHE B 60 0.22 5.28 29.95
C PHE B 60 0.00 6.79 29.98
N LEU B 61 0.13 7.37 31.17
CA LEU B 61 0.00 8.81 31.35
C LEU B 61 1.28 9.55 30.98
N GLN B 62 2.28 8.80 30.50
CA GLN B 62 3.57 9.38 30.11
C GLN B 62 3.37 10.58 29.18
N GLU B 63 2.65 10.37 28.08
CA GLU B 63 2.39 11.44 27.09
C GLU B 63 1.53 12.58 27.66
N ALA B 64 0.91 12.34 28.82
CA ALA B 64 0.06 13.36 29.43
C ALA B 64 0.87 14.35 30.27
N GLN B 65 1.81 13.84 31.06
CA GLN B 65 2.60 14.69 31.94
C GLN B 65 3.42 15.64 31.07
N VAL B 66 3.92 15.10 29.96
CA VAL B 66 4.71 15.90 29.03
C VAL B 66 3.87 17.03 28.43
N LEU B 67 2.66 16.70 27.98
CA LEU B 67 1.83 17.69 27.29
C LEU B 67 1.18 18.71 28.22
N LYS B 68 1.40 18.57 29.52
CA LYS B 68 1.01 19.62 30.47
C LYS B 68 2.13 20.66 30.51
N LYS B 69 3.31 20.28 30.05
CA LYS B 69 4.46 21.17 29.99
C LYS B 69 4.54 21.92 28.64
N LEU B 70 4.34 21.19 27.54
CA LEU B 70 4.49 21.79 26.22
C LEU B 70 3.18 22.29 25.64
N ARG B 71 3.17 23.55 25.20
CA ARG B 71 2.07 24.10 24.40
C ARG B 71 2.67 24.83 23.20
N HIS B 72 2.12 24.61 22.01
CA HIS B 72 2.65 25.21 20.79
C HIS B 72 1.71 24.88 19.63
N GLU B 73 1.49 25.82 18.72
CA GLU B 73 0.41 25.66 17.75
C GLU B 73 0.68 24.50 16.78
N LYS B 74 1.84 23.88 16.88
CA LYS B 74 2.22 22.82 15.95
C LYS B 74 2.44 21.50 16.66
N LEU B 75 2.12 21.49 17.96
CA LEU B 75 1.92 20.25 18.70
C LEU B 75 0.43 20.13 18.98
N VAL B 76 -0.11 18.92 18.88
CA VAL B 76 -1.49 18.66 19.27
C VAL B 76 -1.68 19.02 20.75
N GLN B 77 -2.76 19.71 21.07
CA GLN B 77 -2.95 20.17 22.44
C GLN B 77 -3.69 19.16 23.30
N LEU B 78 -3.22 18.99 24.53
CA LEU B 78 -3.95 18.23 25.54
C LEU B 78 -5.03 19.12 26.13
N TYR B 79 -6.27 18.63 26.19
CA TYR B 79 -7.33 19.41 26.80
C TYR B 79 -7.57 18.98 28.23
N ALA B 80 -7.67 17.68 28.45
CA ALA B 80 -8.14 17.19 29.73
C ALA B 80 -7.69 15.77 30.05
N VAL B 81 -7.84 15.41 31.32
CA VAL B 81 -7.50 14.07 31.76
C VAL B 81 -8.56 13.53 32.70
N VAL B 82 -8.77 12.22 32.61
CA VAL B 82 -9.46 11.47 33.65
C VAL B 82 -8.40 10.50 34.14
N SER B 83 -7.79 10.80 35.28
CA SER B 83 -6.53 10.17 35.67
C SER B 83 -6.64 8.87 36.49
N GLU B 84 -7.79 8.66 37.12
CA GLU B 84 -8.08 7.39 37.79
C GLU B 84 -8.63 6.37 36.78
N GLU B 85 -8.16 5.13 36.89
CA GLU B 85 -8.65 4.06 36.01
C GLU B 85 -10.14 3.84 36.23
N PRO B 86 -10.90 3.67 35.13
CA PRO B 86 -10.41 3.63 33.74
C PRO B 86 -9.98 5.02 33.25
N ILE B 87 -8.75 5.10 32.77
CA ILE B 87 -8.13 6.37 32.41
C ILE B 87 -8.56 6.85 31.02
N TYR B 88 -8.62 8.18 30.87
CA TYR B 88 -9.01 8.80 29.61
C TYR B 88 -8.15 10.04 29.36
N ILE B 89 -7.65 10.19 28.14
CA ILE B 89 -6.92 11.40 27.76
C ILE B 89 -7.66 12.14 26.65
N VAL B 90 -7.87 13.44 26.85
CA VAL B 90 -8.66 14.25 25.93
C VAL B 90 -7.79 15.24 25.17
N MET B 91 -7.72 15.09 23.86
CA MET B 91 -6.82 15.91 23.04
C MET B 91 -7.59 16.71 22.03
N GLU B 92 -6.96 17.75 21.52
CA GLU B 92 -7.51 18.49 20.40
C GLU B 92 -7.72 17.56 19.20
N TYR B 93 -8.90 17.64 18.60
CA TYR B 93 -9.25 16.78 17.46
C TYR B 93 -8.59 17.28 16.17
N MET B 94 -7.94 16.36 15.47
CA MET B 94 -7.36 16.64 14.14
C MET B 94 -8.15 15.90 13.07
N SER B 95 -8.78 16.65 12.18
CA SER B 95 -9.78 16.09 11.27
C SER B 95 -9.27 15.23 10.12
N LYS B 96 -7.96 15.24 9.85
CA LYS B 96 -7.48 14.45 8.71
C LYS B 96 -6.74 13.18 9.09
N GLY B 97 -6.61 12.94 10.40
CA GLY B 97 -5.89 11.77 10.90
C GLY B 97 -4.41 11.92 10.66
N SER B 98 -3.68 10.79 10.65
CA SER B 98 -2.24 10.85 10.48
C SER B 98 -1.89 11.38 9.09
N LEU B 99 -0.72 12.02 9.00
CA LEU B 99 -0.15 12.47 7.74
C LEU B 99 0.10 11.26 6.84
N LEU B 100 0.42 10.10 7.43
CA LEU B 100 0.61 8.87 6.64
C LEU B 100 -0.64 8.53 5.83
N ASP B 101 -1.78 8.45 6.52
CA ASP B 101 -3.03 8.12 5.85
C ASP B 101 -3.44 9.24 4.93
N PHE B 102 -3.20 10.47 5.37
CA PHE B 102 -3.60 11.59 4.56
C PHE B 102 -2.85 11.58 3.23
N LEU B 103 -1.57 11.21 3.26
CA LEU B 103 -0.72 11.20 2.06
C LEU B 103 -1.03 10.03 1.13
N LYS B 104 -1.36 8.88 1.72
CA LYS B 104 -1.62 7.66 0.95
C LYS B 104 -3.00 7.81 0.32
N GLY B 105 -3.80 8.67 0.91
CA GLY B 105 -5.19 8.81 0.56
C GLY B 105 -5.52 9.61 -0.69
N GLU B 106 -6.81 9.92 -0.79
CA GLU B 106 -7.42 10.48 -1.99
C GLU B 106 -7.05 11.94 -2.26
N THR B 107 -6.81 12.71 -1.21
CA THR B 107 -6.30 14.08 -1.36
C THR B 107 -4.82 14.00 -1.71
N GLY B 108 -4.19 12.91 -1.28
CA GLY B 108 -2.77 12.71 -1.46
C GLY B 108 -2.27 12.96 -2.87
N LYS B 109 -3.01 12.48 -3.87
CA LYS B 109 -2.47 12.53 -5.23
C LYS B 109 -2.42 13.95 -5.77
N TYR B 110 -3.12 14.85 -5.09
CA TYR B 110 -3.21 16.24 -5.53
C TYR B 110 -2.13 17.11 -4.88
N LEU B 111 -1.61 16.67 -3.74
CA LEU B 111 -0.53 17.38 -3.08
C LEU B 111 0.69 17.57 -4.02
N ARG B 112 1.22 18.81 -4.06
CA ARG B 112 2.45 19.10 -4.79
C ARG B 112 3.55 19.66 -3.89
N LEU B 113 4.73 19.88 -4.46
CA LEU B 113 5.86 20.31 -3.64
C LEU B 113 5.56 21.52 -2.73
N PRO B 114 4.88 22.56 -3.24
CA PRO B 114 4.63 23.69 -2.33
C PRO B 114 3.79 23.31 -1.11
N GLN B 115 2.74 22.51 -1.28
CA GLN B 115 1.96 22.08 -0.13
C GLN B 115 2.84 21.26 0.80
N LEU B 116 3.55 20.29 0.24
CA LEU B 116 4.32 19.35 1.03
C LEU B 116 5.45 20.06 1.79
N VAL B 117 6.20 20.92 1.09
CA VAL B 117 7.29 21.64 1.73
C VAL B 117 6.78 22.46 2.91
N ASP B 118 5.58 23.01 2.74
CA ASP B 118 4.98 23.76 3.82
C ASP B 118 4.59 22.86 5.01
N MET B 119 3.91 21.76 4.74
CA MET B 119 3.63 20.81 5.80
C MET B 119 4.93 20.49 6.57
N ALA B 120 6.02 20.34 5.83
CA ALA B 120 7.32 20.05 6.43
C ALA B 120 7.73 21.16 7.40
N ALA B 121 7.58 22.41 6.95
CA ALA B 121 7.88 23.58 7.77
C ALA B 121 7.11 23.58 9.10
N GLN B 122 5.80 23.42 9.06
CA GLN B 122 5.04 23.32 10.29
C GLN B 122 5.65 22.27 11.23
N ILE B 123 6.00 21.12 10.68
CA ILE B 123 6.57 20.04 11.49
C ILE B 123 7.91 20.45 12.10
N ALA B 124 8.84 20.91 11.25
CA ALA B 124 10.08 21.48 11.73
C ALA B 124 9.80 22.49 12.87
N SER B 125 8.84 23.38 12.61
CA SER B 125 8.46 24.42 13.56
C SER B 125 8.08 23.85 14.93
N GLY B 126 7.14 22.90 14.92
CA GLY B 126 6.88 22.16 16.15
C GLY B 126 8.16 21.57 16.75
N MET B 127 8.95 20.89 15.93
CA MET B 127 10.15 20.25 16.44
C MET B 127 11.18 21.25 16.95
N ALA B 128 11.24 22.42 16.32
CA ALA B 128 12.06 23.50 16.87
C ALA B 128 11.58 23.85 18.28
N TYR B 129 10.28 23.81 18.51
CA TYR B 129 9.77 24.12 19.85
C TYR B 129 10.23 23.08 20.86
N VAL B 130 10.13 21.80 20.48
CA VAL B 130 10.66 20.69 21.29
C VAL B 130 12.17 20.85 21.50
N GLU B 131 12.86 21.28 20.44
CA GLU B 131 14.28 21.58 20.45
C GLU B 131 14.66 22.58 21.54
N ARG B 132 14.02 23.74 21.55
CA ARG B 132 14.38 24.75 22.57
C ARG B 132 13.85 24.43 23.98
N MET B 133 12.88 23.53 24.11
CA MET B 133 12.42 23.13 25.43
C MET B 133 13.28 22.00 25.99
N ASN B 134 14.24 21.54 25.19
CA ASN B 134 15.20 20.52 25.63
C ASN B 134 14.62 19.13 25.75
N TYR B 135 13.68 18.79 24.87
CA TYR B 135 13.18 17.44 24.82
C TYR B 135 13.65 16.73 23.56
N VAL B 136 13.51 15.41 23.57
CA VAL B 136 13.57 14.64 22.33
C VAL B 136 12.24 13.88 22.15
N HIS B 137 11.93 13.52 20.91
CA HIS B 137 10.63 12.90 20.64
C HIS B 137 10.77 11.38 20.58
N ARG B 138 11.79 10.93 19.84
CA ARG B 138 12.15 9.52 19.71
C ARG B 138 11.44 8.79 18.58
N ASP B 139 10.17 9.12 18.34
CA ASP B 139 9.46 8.48 17.25
C ASP B 139 8.81 9.50 16.33
N LEU B 140 9.67 10.25 15.65
CA LEU B 140 9.20 11.22 14.68
C LEU B 140 9.10 10.57 13.29
N ARG B 141 7.90 10.61 12.73
CA ARG B 141 7.62 9.97 11.45
C ARG B 141 6.19 10.33 11.08
N ALA B 142 5.84 10.21 9.81
CA ALA B 142 4.49 10.58 9.33
C ALA B 142 3.35 10.00 10.17
N ALA B 143 3.49 8.75 10.63
CA ALA B 143 2.44 8.09 11.42
C ALA B 143 2.08 8.90 12.66
N ASN B 144 3.02 9.71 13.11
CA ASN B 144 2.88 10.47 14.34
C ASN B 144 2.72 11.97 14.08
N ILE B 145 2.38 12.32 12.83
CA ILE B 145 1.99 13.67 12.52
C ILE B 145 0.53 13.65 12.14
N LEU B 146 -0.26 14.48 12.83
CA LEU B 146 -1.68 14.61 12.54
C LEU B 146 -1.97 15.80 11.63
N VAL B 147 -2.97 15.64 10.76
CA VAL B 147 -3.34 16.71 9.85
C VAL B 147 -4.70 17.27 10.23
N GLY B 148 -4.86 18.58 10.06
CA GLY B 148 -6.15 19.23 10.28
C GLY B 148 -6.65 19.86 9.00
N GLU B 149 -7.71 20.65 9.09
CA GLU B 149 -8.16 21.39 7.91
C GLU B 149 -7.05 22.36 7.47
N ASN B 150 -7.16 22.81 6.22
CA ASN B 150 -6.28 23.88 5.76
C ASN B 150 -4.85 23.37 5.69
N LEU B 151 -4.70 22.06 5.57
CA LEU B 151 -3.38 21.44 5.48
C LEU B 151 -2.51 21.72 6.72
N VAL B 152 -3.16 22.05 7.82
CA VAL B 152 -2.45 22.27 9.08
C VAL B 152 -1.93 20.93 9.62
N CYS B 153 -0.62 20.85 9.82
CA CYS B 153 -0.02 19.64 10.40
C CYS B 153 0.46 19.90 11.83
N LYS B 154 0.65 18.83 12.59
CA LYS B 154 1.02 18.97 13.99
C LYS B 154 1.73 17.74 14.50
N VAL B 155 2.59 17.91 15.50
CA VAL B 155 3.33 16.79 16.06
C VAL B 155 2.51 16.10 17.15
N ALA B 156 2.42 14.77 17.09
CA ALA B 156 1.63 14.02 18.07
C ALA B 156 2.42 12.87 18.69
N ASP B 157 1.74 12.12 19.56
CA ASP B 157 2.29 10.92 20.20
C ASP B 157 3.66 11.16 20.88
N PHE B 158 3.63 11.80 22.05
CA PHE B 158 4.82 11.99 22.87
C PHE B 158 4.94 10.92 23.95
N GLY B 159 4.29 9.78 23.73
CA GLY B 159 4.30 8.68 24.69
C GLY B 159 5.69 8.11 24.87
N LEU B 160 6.65 8.67 24.12
CA LEU B 160 8.05 8.27 24.22
C LEU B 160 8.96 9.47 24.48
N ALA B 161 8.38 10.67 24.61
CA ALA B 161 9.14 11.91 24.71
C ALA B 161 9.93 12.02 26.01
N ARG B 162 11.17 12.48 25.89
CA ARG B 162 12.11 12.48 27.01
C ARG B 162 12.86 13.80 27.16
N LEU B 163 12.66 14.48 28.30
CA LEU B 163 13.54 15.57 28.69
C LEU B 163 14.97 15.00 28.74
N ILE B 164 15.92 15.72 28.16
CA ILE B 164 17.31 15.25 28.12
C ILE B 164 18.10 15.69 29.35
N PHE B 177 11.48 0.62 18.62
CA PHE B 177 11.85 1.76 17.78
C PHE B 177 12.10 1.32 16.33
N PRO B 178 11.26 1.83 15.41
CA PRO B 178 11.35 1.52 13.98
C PRO B 178 12.70 1.92 13.37
N ILE B 179 13.52 0.93 13.05
CA ILE B 179 14.87 1.14 12.52
C ILE B 179 14.92 2.03 11.27
N LYS B 180 13.88 1.95 10.44
CA LYS B 180 13.89 2.68 9.18
C LYS B 180 13.80 4.20 9.40
N TRP B 181 13.18 4.61 10.51
CA TRP B 181 13.00 6.02 10.85
C TRP B 181 14.02 6.52 11.89
N THR B 182 14.78 5.57 12.45
CA THR B 182 15.58 5.84 13.63
C THR B 182 17.04 6.03 13.30
N ALA B 183 17.62 7.11 13.83
CA ALA B 183 19.05 7.39 13.67
C ALA B 183 19.91 6.21 14.16
N PRO B 184 20.92 5.84 13.35
CA PRO B 184 21.80 4.70 13.62
C PRO B 184 22.31 4.69 15.06
N GLU B 185 22.90 5.80 15.51
CA GLU B 185 23.43 5.89 16.86
C GLU B 185 22.37 5.65 17.93
N ALA B 186 21.13 6.06 17.65
CA ALA B 186 20.01 5.79 18.57
C ALA B 186 19.63 4.31 18.57
N ALA B 187 19.52 3.73 17.38
CA ALA B 187 19.07 2.35 17.29
C ALA B 187 20.10 1.39 17.87
N LEU B 188 21.37 1.74 17.77
CA LEU B 188 22.43 0.81 18.18
C LEU B 188 22.84 0.95 19.64
N TYR B 189 22.98 2.20 20.11
CA TYR B 189 23.54 2.42 21.45
C TYR B 189 22.59 3.21 22.36
N GLY B 190 21.33 3.32 21.93
CA GLY B 190 20.34 4.09 22.65
C GLY B 190 20.74 5.54 22.80
N ARG B 191 21.48 6.08 21.82
CA ARG B 191 21.85 7.49 21.90
C ARG B 191 20.78 8.41 21.32
N PHE B 192 19.76 8.69 22.13
CA PHE B 192 18.65 9.54 21.70
C PHE B 192 18.88 11.02 22.04
N THR B 193 18.81 11.86 20.99
CA THR B 193 18.92 13.31 21.14
C THR B 193 18.08 13.96 20.05
N ILE B 194 17.86 15.27 20.18
CA ILE B 194 17.15 16.01 19.14
C ILE B 194 17.79 15.74 17.78
N LYS B 195 19.11 15.56 17.79
CA LYS B 195 19.86 15.23 16.58
C LYS B 195 19.44 13.88 15.95
N SER B 196 19.03 12.92 16.78
CA SER B 196 18.42 11.73 16.22
C SER B 196 17.01 12.04 15.68
N ASP B 197 16.27 12.92 16.34
CA ASP B 197 15.00 13.40 15.77
C ASP B 197 15.23 14.02 14.38
N VAL B 198 16.25 14.87 14.27
CA VAL B 198 16.58 15.47 12.98
C VAL B 198 16.80 14.39 11.93
N TRP B 199 17.40 13.27 12.34
CA TRP B 199 17.58 12.16 11.40
C TRP B 199 16.21 11.60 10.95
N SER B 200 15.32 11.37 11.90
CA SER B 200 13.97 10.92 11.57
C SER B 200 13.26 11.93 10.68
N PHE B 201 13.47 13.22 10.93
CA PHE B 201 12.86 14.24 10.10
C PHE B 201 13.26 14.11 8.60
N GLY B 202 14.54 13.85 8.33
CA GLY B 202 14.99 13.63 6.97
C GLY B 202 14.28 12.44 6.32
N ILE B 203 14.04 11.39 7.11
CA ILE B 203 13.24 10.27 6.59
C ILE B 203 11.79 10.73 6.31
N LEU B 204 11.20 11.42 7.28
CA LEU B 204 9.86 11.94 7.12
C LEU B 204 9.77 12.82 5.87
N LEU B 205 10.87 13.49 5.51
CA LEU B 205 10.88 14.25 4.26
C LEU B 205 10.70 13.35 3.02
N THR B 206 11.30 12.15 3.02
CA THR B 206 11.10 11.23 1.88
C THR B 206 9.64 10.72 1.83
N GLU B 207 9.03 10.56 3.00
CA GLU B 207 7.62 10.19 3.08
C GLU B 207 6.74 11.21 2.37
N LEU B 208 6.95 12.48 2.70
CA LEU B 208 6.18 13.54 2.05
C LEU B 208 6.41 13.53 0.53
N THR B 209 7.65 13.37 0.06
CA THR B 209 7.88 13.48 -1.38
C THR B 209 7.56 12.20 -2.15
N THR B 210 7.30 11.10 -1.44
CA THR B 210 6.82 9.87 -2.08
C THR B 210 5.29 9.71 -1.93
N LYS B 211 4.65 10.71 -1.31
CA LYS B 211 3.25 10.59 -0.87
C LYS B 211 3.00 9.34 0.02
N GLY B 212 3.86 9.10 1.00
CA GLY B 212 3.57 8.12 2.03
C GLY B 212 4.28 6.78 1.92
N ARG B 213 5.14 6.65 0.93
CA ARG B 213 5.82 5.37 0.74
C ARG B 213 6.79 5.00 1.88
N VAL B 214 6.77 3.72 2.27
CA VAL B 214 7.75 3.21 3.22
C VAL B 214 9.15 3.51 2.68
N PRO B 215 10.06 3.93 3.57
CA PRO B 215 11.45 4.23 3.21
C PRO B 215 12.20 2.94 2.88
N TYR B 216 13.36 3.04 2.23
CA TYR B 216 14.19 1.88 1.90
C TYR B 216 13.34 0.74 1.31
N PRO B 217 12.65 1.03 0.19
CA PRO B 217 11.75 0.07 -0.47
C PRO B 217 12.46 -1.27 -0.66
N GLY B 218 11.78 -2.36 -0.33
CA GLY B 218 12.32 -3.69 -0.54
C GLY B 218 13.56 -4.01 0.28
N MET B 219 13.76 -3.28 1.38
CA MET B 219 14.82 -3.62 2.31
C MET B 219 14.22 -4.03 3.65
N VAL B 220 14.88 -4.94 4.34
CA VAL B 220 14.42 -5.34 5.66
C VAL B 220 15.26 -4.63 6.71
N ASN B 221 14.83 -4.69 7.97
CA ASN B 221 15.51 -3.93 9.03
C ASN B 221 17.02 -4.15 9.05
N ARG B 222 17.45 -5.41 9.17
CA ARG B 222 18.89 -5.72 9.19
C ARG B 222 19.60 -5.12 7.96
N GLU B 223 18.97 -5.29 6.79
CA GLU B 223 19.51 -4.71 5.55
C GLU B 223 19.67 -3.19 5.62
N VAL B 224 18.69 -2.51 6.22
CA VAL B 224 18.74 -1.05 6.31
C VAL B 224 19.91 -0.64 7.21
N LEU B 225 19.93 -1.21 8.41
CA LEU B 225 21.01 -0.96 9.35
C LEU B 225 22.37 -1.26 8.71
N ASP B 226 22.49 -2.43 8.11
CA ASP B 226 23.74 -2.85 7.46
C ASP B 226 24.26 -1.79 6.49
N GLN B 227 23.39 -1.34 5.57
CA GLN B 227 23.80 -0.43 4.51
C GLN B 227 23.97 1.01 4.97
N VAL B 228 23.19 1.39 5.98
CA VAL B 228 23.25 2.76 6.46
C VAL B 228 24.57 3.00 7.19
N GLU B 229 24.99 2.01 7.99
CA GLU B 229 26.32 2.04 8.60
C GLU B 229 27.42 2.10 7.54
N ARG B 230 27.16 1.50 6.39
CA ARG B 230 28.08 1.55 5.26
C ARG B 230 28.03 2.89 4.52
N GLY B 231 27.19 3.81 5.00
CA GLY B 231 27.05 5.11 4.35
C GLY B 231 26.04 5.14 3.20
N TYR B 232 25.28 4.05 3.03
CA TYR B 232 24.17 4.10 2.08
C TYR B 232 23.09 5.08 2.56
N ARG B 233 22.50 5.78 1.60
CA ARG B 233 21.38 6.66 1.89
C ARG B 233 20.40 6.55 0.75
N MET B 234 19.16 6.92 1.00
CA MET B 234 18.16 6.93 -0.06
C MET B 234 18.52 7.97 -1.10
N PRO B 235 18.32 7.62 -2.37
CA PRO B 235 18.55 8.52 -3.50
C PRO B 235 17.40 9.49 -3.65
N CYS B 236 17.52 10.42 -4.58
CA CYS B 236 16.52 11.46 -4.77
C CYS B 236 15.22 10.87 -5.28
N PRO B 237 14.12 11.09 -4.54
CA PRO B 237 12.81 10.67 -5.07
C PRO B 237 12.48 11.36 -6.41
N PRO B 238 11.80 10.65 -7.32
CA PRO B 238 11.41 11.21 -8.63
C PRO B 238 10.78 12.59 -8.50
N GLU B 239 11.06 13.48 -9.44
CA GLU B 239 10.48 14.83 -9.44
C GLU B 239 10.74 15.61 -8.15
N CYS B 240 11.57 15.07 -7.25
CA CYS B 240 11.99 15.84 -6.08
C CYS B 240 13.30 16.56 -6.36
N PRO B 241 13.34 17.89 -6.14
CA PRO B 241 14.56 18.67 -6.43
C PRO B 241 15.77 18.18 -5.65
N GLU B 242 16.96 18.27 -6.26
CA GLU B 242 18.21 17.98 -5.54
C GLU B 242 18.38 18.82 -4.28
N SER B 243 18.06 20.12 -4.35
CA SER B 243 18.17 20.92 -3.17
C SER B 243 17.44 20.25 -2.01
N LEU B 244 16.23 19.74 -2.26
CA LEU B 244 15.48 19.09 -1.18
C LEU B 244 16.16 17.78 -0.72
N HIS B 245 16.67 16.99 -1.65
CA HIS B 245 17.33 15.76 -1.25
C HIS B 245 18.68 16.05 -0.57
N ASP B 246 19.30 17.17 -0.91
CA ASP B 246 20.51 17.59 -0.20
C ASP B 246 20.22 17.74 1.29
N LEU B 247 19.14 18.46 1.59
CA LEU B 247 18.70 18.64 2.97
C LEU B 247 18.53 17.30 3.69
N MET B 248 17.84 16.37 3.05
CA MET B 248 17.70 15.05 3.61
C MET B 248 19.08 14.49 3.94
N CYS B 249 20.02 14.65 3.01
CA CYS B 249 21.37 14.15 3.22
C CYS B 249 22.09 14.81 4.42
N GLN B 250 21.76 16.06 4.70
CA GLN B 250 22.30 16.71 5.88
C GLN B 250 21.71 16.06 7.14
N CYS B 251 20.40 15.87 7.15
CA CYS B 251 19.76 15.20 8.27
C CYS B 251 20.35 13.81 8.48
N TRP B 252 20.94 13.21 7.44
CA TRP B 252 21.40 11.83 7.61
C TRP B 252 22.91 11.74 7.82
N ARG B 253 23.55 12.87 8.12
CA ARG B 253 24.98 12.84 8.42
C ARG B 253 25.30 11.86 9.55
N LYS B 254 26.35 11.07 9.33
CA LYS B 254 26.82 10.09 10.30
C LYS B 254 26.96 10.74 11.67
N GLU B 255 27.62 11.89 11.69
CA GLU B 255 27.85 12.62 12.94
C GLU B 255 26.64 13.46 13.31
N PRO B 256 25.98 13.11 14.42
CA PRO B 256 24.77 13.75 14.93
C PRO B 256 24.92 15.27 15.11
N GLU B 257 26.10 15.77 15.47
CA GLU B 257 26.26 17.20 15.73
C GLU B 257 26.47 18.03 14.46
N GLU B 258 26.84 17.38 13.36
CA GLU B 258 26.93 18.06 12.05
C GLU B 258 25.54 18.20 11.40
N ARG B 259 24.58 17.49 11.96
CA ARG B 259 23.21 17.61 11.49
C ARG B 259 22.65 18.96 11.94
N PRO B 260 21.83 19.57 11.09
CA PRO B 260 21.27 20.92 11.27
C PRO B 260 20.21 20.94 12.35
N THR B 261 19.91 22.13 12.86
CA THR B 261 18.86 22.31 13.86
C THR B 261 17.51 22.31 13.18
N PHE B 262 16.47 22.12 13.99
CA PHE B 262 15.12 22.31 13.49
C PHE B 262 14.85 23.78 13.18
N GLU B 263 15.45 24.68 13.95
CA GLU B 263 15.41 26.11 13.66
C GLU B 263 15.92 26.40 12.25
N TYR B 264 17.05 25.79 11.88
CA TYR B 264 17.54 25.91 10.50
C TYR B 264 16.52 25.35 9.49
N LEU B 265 16.07 24.11 9.72
CA LEU B 265 15.20 23.43 8.76
C LEU B 265 13.89 24.16 8.57
N GLN B 266 13.28 24.57 9.67
CA GLN B 266 12.10 25.40 9.60
C GLN B 266 12.35 26.57 8.66
N ALA B 267 13.42 27.33 8.95
CA ALA B 267 13.74 28.53 8.19
C ALA B 267 13.94 28.18 6.72
N PHE B 268 14.72 27.13 6.49
CA PHE B 268 15.02 26.72 5.13
C PHE B 268 13.73 26.42 4.36
N LEU B 269 12.83 25.65 4.99
CA LEU B 269 11.63 25.16 4.31
C LEU B 269 10.56 26.23 4.10
N GLU B 270 10.49 27.21 5.01
CA GLU B 270 9.57 28.34 4.86
C GLU B 270 10.00 29.22 3.67
N ASP B 271 11.32 29.38 3.48
CA ASP B 271 11.87 30.26 2.43
C ASP B 271 12.10 29.55 1.09
N TYR B 272 11.85 28.24 1.07
CA TYR B 272 12.32 27.35 -0.02
C TYR B 272 12.10 27.90 -1.42
N PHE B 273 10.87 28.28 -1.72
CA PHE B 273 10.52 28.64 -3.08
C PHE B 273 10.98 30.00 -3.56
N THR B 274 11.51 30.81 -2.64
CA THR B 274 12.14 32.07 -3.02
C THR B 274 13.67 32.01 -2.98
N SER B 275 14.22 31.35 -1.98
CA SER B 275 15.67 31.36 -1.77
C SER B 275 16.40 30.23 -2.48
N THR B 276 15.71 29.11 -2.66
CA THR B 276 16.36 27.86 -3.05
C THR B 276 15.90 27.35 -4.42
N GLU B 277 14.58 27.25 -4.61
CA GLU B 277 14.04 26.88 -5.94
C GLU B 277 13.09 27.94 -6.49
N PRO B 278 13.60 29.16 -6.73
CA PRO B 278 12.73 30.24 -7.24
C PRO B 278 12.17 29.88 -8.63
N GLN B 279 12.79 28.87 -9.26
CA GLN B 279 12.52 28.48 -10.63
C GLN B 279 11.56 27.29 -10.74
N TYR B 280 10.97 26.91 -9.61
CA TYR B 280 10.19 25.69 -9.53
C TYR B 280 8.98 25.62 -10.49
N GLN B 281 8.84 24.50 -11.20
CA GLN B 281 7.62 24.25 -11.99
C GLN B 281 6.99 22.90 -11.63
N PRO B 282 5.65 22.89 -11.48
CA PRO B 282 4.86 21.69 -11.16
C PRO B 282 5.09 20.59 -12.17
N GLY B 283 5.10 19.33 -11.74
CA GLY B 283 5.26 18.20 -12.63
C GLY B 283 4.03 17.30 -12.64
N GLU B 284 4.25 16.05 -13.05
CA GLU B 284 3.21 15.04 -12.99
C GLU B 284 2.72 14.86 -11.56
N ASN B 285 3.65 14.68 -10.62
CA ASN B 285 3.28 14.30 -9.26
C ASN B 285 3.76 15.25 -8.17
N LEU B 286 4.84 15.96 -8.44
CA LEU B 286 5.34 16.95 -7.50
C LEU B 286 5.42 18.32 -8.15
CAA DB8 C . -2.23 -26.00 -16.70
O02 DB8 C . -0.58 -19.74 -23.53
CAC DB8 C . 1.66 -27.73 -12.72
NAD DB8 C . 1.23 -18.82 -20.22
CL1 DB8 C . -2.49 -17.28 -22.94
CL2 DB8 C . -3.02 -19.48 -17.94
CAG DB8 C . 1.38 -19.80 -19.67
CAH DB8 C . 2.95 -21.39 -18.39
CAI DB8 C . -2.63 -18.54 -20.49
CAJ DB8 C . -0.79 -20.77 -21.31
CAK DB8 C . 2.45 -24.53 -16.18
CAL DB8 C . -0.37 -24.09 -17.18
CAM DB8 C . 3.05 -27.26 -13.13
CAN DB8 C . 3.00 -26.71 -14.54
CAO DB8 C . 2.26 -30.06 -7.45
CAP DB8 C . 0.86 -27.89 -10.23
CAQ DB8 C . 3.03 -28.69 -10.86
CAR DB8 C . 0.81 -28.97 -9.13
CAS DB8 C . 2.92 -29.81 -9.87
NAT DB8 C . 3.21 -22.49 -17.52
NAU DB8 C . -0.99 -21.81 -19.01
OAV DB8 C . -1.10 -26.04 -15.91
OAW DB8 C . 1.66 -26.50 -14.90
CAX DB8 C . -1.13 -19.68 -22.28
CAY DB8 C . -2.05 -18.56 -21.86
CAZ DB8 C . -2.29 -19.61 -19.51
CBA DB8 C . 1.57 -21.10 -18.94
CBB DB8 C . -1.36 -20.73 -19.92
CBC DB8 C . -0.05 -25.22 -16.25
CBD DB8 C . 1.34 -25.45 -15.76
CBE DB8 C . 0.40 -21.99 -18.55
CBF DB8 C . 2.15 -23.37 -17.11
CBG DB8 C . 0.73 -23.17 -17.61
NBH DB8 C . 1.71 -28.34 -11.35
NBI DB8 C . 2.15 -29.38 -8.74
C01 DB8 C . 0.72 -20.24 -23.66
CAA DB8 D . -6.98 7.16 14.66
O02 DB8 D . -5.16 10.54 22.93
CAC DB8 D . -10.42 9.80 10.42
NAD DB8 D . -3.83 13.43 20.02
CL1 DB8 D . -2.10 10.38 23.64
CL2 DB8 D . -1.41 10.09 18.14
CAG DB8 D . -4.54 13.20 19.16
CAH DB8 D . -6.31 13.91 17.38
CAI DB8 D . -1.91 10.26 20.85
CAJ DB8 D . -4.90 10.41 20.51
CAK DB8 D . -8.03 12.03 14.39
CAL DB8 D . -6.38 9.81 15.61
CAM DB8 D . -10.87 10.84 11.43
CAN DB8 D . -9.66 11.41 12.17
CAO DB8 D . -12.56 11.46 5.32
CAP DB8 D . -10.05 10.95 8.10
CAQ DB8 D . -12.25 10.70 8.99
CAR DB8 D . -10.62 10.77 6.68
CAS DB8 D . -12.81 10.47 7.62
NAT DB8 D . -7.13 13.64 16.22
NAU DB8 D . -4.69 10.29 18.01
OAV DB8 D . -7.25 8.27 13.86
OAW DB8 D . -8.83 10.39 12.66
CAX DB8 D . -4.29 10.44 21.87
CAY DB8 D . -2.80 10.35 22.06
CAZ DB8 D . -2.52 10.23 19.48
CBA DB8 D . -5.47 12.85 18.04
CBB DB8 D . -4.02 10.31 19.30
CBC DB8 D . -7.23 9.54 14.40
CBD DB8 D . -8.05 10.64 13.80
CBE DB8 D . -5.48 11.42 17.47
CBF DB8 D . -7.18 12.32 15.62
CBG DB8 D . -6.36 11.18 16.22
NBH DB8 D . -10.90 10.20 9.05
NBI DB8 D . -12.02 11.16 6.63
C01 DB8 D . -6.33 11.28 22.72
#